data_6V7O
#
_entry.id   6V7O
#
_cell.length_a   42.679
_cell.length_b   105.124
_cell.length_c   63.148
_cell.angle_alpha   90.000
_cell.angle_beta   90.180
_cell.angle_gamma   90.000
#
_symmetry.space_group_name_H-M   'P 1 21 1'
#
loop_
_entity.id
_entity.type
_entity.pdbx_description
1 polymer 'Kelch-like protein 12'
2 polymer Dvl3-peptide
#
loop_
_entity_poly.entity_id
_entity_poly.type
_entity_poly.pdbx_seq_one_letter_code
_entity_poly.pdbx_strand_id
1 'polypeptide(L)'
;SMQGPRTRARLGANEVLLVVGGFGSQQSPIDVVEKYDPKTQEWSFLPSITRKRRYVASVSLHDRIYVIGGYDGRSRLSSV
ECLDYTADEDGVWYSVAPMNVRRGLAGATTLGDMIYVSGGFDGSRRHTSMERYDPNIDQWSMLGDMQTAREGAGLVVASG
VIYCLGGYDGLNILNSVEKYDPHTGHWTNVTPMATKRSGAGVALLNDHIYVVGGFDGTAHLSSVEAYNIRTDSWTTVTSM
TTPRCYVGATVLRGRLYAIAGYDGNSLLSSIECYDPIIDSWEVVTSMGTQRCDAGVCVLRE
;
A,B
2 'polypeptide(L)' PGAPPGRDLA C,D
#
# COMPACT_ATOMS: atom_id res chain seq x y z
N ALA A 13 -7.78 -23.58 22.16
CA ALA A 13 -7.00 -23.36 20.95
C ALA A 13 -7.83 -23.62 19.70
N ASN A 14 -7.68 -22.77 18.70
CA ASN A 14 -8.41 -22.91 17.45
C ASN A 14 -7.61 -22.23 16.34
N GLU A 15 -7.63 -22.83 15.15
CA GLU A 15 -6.89 -22.32 14.00
C GLU A 15 -7.88 -21.95 12.90
N VAL A 16 -7.74 -20.73 12.38
CA VAL A 16 -8.65 -20.18 11.38
C VAL A 16 -7.94 -20.02 10.06
N LEU A 17 -8.71 -20.15 8.98
CA LEU A 17 -8.24 -20.01 7.61
C LEU A 17 -8.58 -18.60 7.14
N LEU A 18 -7.64 -17.95 6.44
CA LEU A 18 -7.90 -16.62 5.91
C LEU A 18 -7.52 -16.56 4.44
N VAL A 19 -8.44 -16.04 3.63
CA VAL A 19 -8.27 -15.92 2.18
C VAL A 19 -8.43 -14.45 1.83
N VAL A 20 -7.43 -13.89 1.14
CA VAL A 20 -7.36 -12.46 0.89
C VAL A 20 -7.21 -12.23 -0.61
N GLY A 21 -7.99 -11.29 -1.15
CA GLY A 21 -7.85 -10.79 -2.51
C GLY A 21 -8.01 -11.88 -3.54
N GLY A 22 -7.32 -11.70 -4.66
CA GLY A 22 -7.30 -12.65 -5.75
C GLY A 22 -8.05 -12.15 -6.97
N PHE A 23 -8.29 -13.08 -7.89
CA PHE A 23 -9.03 -12.83 -9.12
C PHE A 23 -10.45 -13.34 -8.94
N GLY A 24 -11.43 -12.47 -9.15
CA GLY A 24 -12.80 -12.76 -8.77
C GLY A 24 -13.68 -13.22 -9.91
N SER A 25 -14.90 -13.61 -9.56
CA SER A 25 -16.04 -13.78 -10.46
C SER A 25 -16.02 -12.82 -11.64
N GLN A 26 -16.02 -11.51 -11.35
CA GLN A 26 -16.21 -10.50 -12.39
C GLN A 26 -14.96 -10.30 -13.24
N GLN A 27 -14.04 -11.27 -13.26
CA GLN A 27 -12.80 -11.22 -14.02
C GLN A 27 -12.03 -9.94 -13.71
N SER A 28 -11.73 -9.76 -12.43
CA SER A 28 -11.08 -8.54 -11.96
C SER A 28 -10.37 -8.84 -10.65
N PRO A 29 -9.30 -8.13 -10.34
CA PRO A 29 -8.74 -8.21 -8.99
C PRO A 29 -9.77 -7.77 -7.97
N ILE A 30 -9.75 -8.41 -6.80
CA ILE A 30 -10.75 -8.16 -5.77
C ILE A 30 -10.04 -7.80 -4.47
N ASP A 31 -10.82 -7.28 -3.52
CA ASP A 31 -10.32 -6.89 -2.22
C ASP A 31 -10.93 -7.70 -1.08
N VAL A 32 -11.65 -8.78 -1.40
CA VAL A 32 -12.45 -9.49 -0.41
C VAL A 32 -11.54 -10.28 0.52
N VAL A 33 -11.90 -10.30 1.81
CA VAL A 33 -11.19 -11.06 2.82
C VAL A 33 -12.18 -11.95 3.54
N GLU A 34 -11.95 -13.27 3.49
CA GLU A 34 -12.84 -14.25 4.10
C GLU A 34 -12.09 -15.06 5.14
N LYS A 35 -12.82 -15.48 6.17
CA LYS A 35 -12.28 -16.28 7.27
C LYS A 35 -13.11 -17.53 7.43
N TYR A 36 -12.45 -18.68 7.45
CA TYR A 36 -13.11 -19.96 7.70
C TYR A 36 -12.75 -20.43 9.11
N ASP A 37 -13.78 -20.66 9.93
CA ASP A 37 -13.62 -21.26 11.23
C ASP A 37 -14.05 -22.72 11.13
N PRO A 38 -13.11 -23.68 11.26
CA PRO A 38 -13.51 -25.09 11.17
C PRO A 38 -14.34 -25.55 12.35
N LYS A 39 -14.16 -24.95 13.54
CA LYS A 39 -14.97 -25.30 14.69
C LYS A 39 -16.44 -25.09 14.41
N THR A 40 -16.79 -23.92 13.86
CA THR A 40 -18.15 -23.66 13.40
C THR A 40 -18.36 -24.14 11.98
N GLN A 41 -17.30 -24.51 11.26
CA GLN A 41 -17.38 -24.86 9.84
C GLN A 41 -18.04 -23.73 9.06
N GLU A 42 -17.78 -22.50 9.49
CA GLU A 42 -18.52 -21.34 8.99
C GLU A 42 -17.58 -20.31 8.39
N TRP A 43 -18.08 -19.59 7.39
CA TRP A 43 -17.33 -18.53 6.73
C TRP A 43 -17.82 -17.17 7.21
N SER A 44 -16.88 -16.24 7.35
CA SER A 44 -17.15 -14.90 7.82
C SER A 44 -16.45 -13.92 6.89
N PHE A 45 -16.97 -12.70 6.84
CA PHE A 45 -16.35 -11.63 6.07
C PHE A 45 -15.68 -10.64 7.00
N LEU A 46 -14.49 -10.21 6.63
CA LEU A 46 -13.69 -9.25 7.36
C LEU A 46 -13.62 -7.94 6.57
N PRO A 47 -13.11 -6.87 7.18
CA PRO A 47 -12.89 -5.65 6.40
C PRO A 47 -12.01 -5.93 5.20
N SER A 48 -12.36 -5.32 4.07
CA SER A 48 -11.67 -5.62 2.84
C SER A 48 -10.37 -4.84 2.77
N ILE A 49 -9.39 -5.39 2.05
CA ILE A 49 -8.11 -4.71 1.97
C ILE A 49 -8.29 -3.41 1.19
N THR A 50 -7.39 -2.47 1.46
CA THR A 50 -7.52 -1.13 0.88
C THR A 50 -7.37 -1.13 -0.64
N ARG A 51 -6.67 -2.11 -1.21
CA ARG A 51 -6.40 -2.15 -2.64
C ARG A 51 -6.78 -3.51 -3.21
N LYS A 52 -7.45 -3.50 -4.36
CA LYS A 52 -7.75 -4.73 -5.09
C LYS A 52 -6.44 -5.39 -5.51
N ARG A 53 -6.23 -6.65 -5.13
CA ARG A 53 -4.97 -7.32 -5.38
C ARG A 53 -5.20 -8.74 -5.88
N ARG A 54 -4.78 -9.00 -7.11
CA ARG A 54 -4.57 -10.35 -7.61
C ARG A 54 -3.07 -10.65 -7.65
N TYR A 55 -2.74 -11.92 -7.85
CA TYR A 55 -1.34 -12.37 -7.83
C TYR A 55 -0.67 -12.03 -6.50
N VAL A 56 -1.42 -12.11 -5.42
CA VAL A 56 -1.00 -11.60 -4.13
C VAL A 56 -0.54 -12.75 -3.24
N ALA A 57 0.22 -12.41 -2.19
CA ALA A 57 0.60 -13.38 -1.16
C ALA A 57 0.09 -12.90 0.19
N SER A 58 0.08 -13.81 1.17
CA SER A 58 -0.33 -13.44 2.51
C SER A 58 0.28 -14.41 3.53
N VAL A 59 0.64 -13.86 4.70
CA VAL A 59 1.28 -14.62 5.76
C VAL A 59 0.75 -14.18 7.12
N SER A 60 1.00 -15.01 8.13
CA SER A 60 0.62 -14.74 9.51
C SER A 60 1.86 -14.64 10.38
N LEU A 61 1.98 -13.54 11.12
CA LEU A 61 3.12 -13.34 12.01
C LEU A 61 2.66 -12.52 13.22
N HIS A 62 2.74 -13.14 14.39
CA HIS A 62 2.34 -12.52 15.66
C HIS A 62 0.90 -12.01 15.60
N ASP A 63 -0.01 -12.93 15.25
CA ASP A 63 -1.43 -12.62 15.12
C ASP A 63 -1.66 -11.41 14.22
N ARG A 64 -0.88 -11.32 13.15
CA ARG A 64 -1.04 -10.28 12.14
C ARG A 64 -1.11 -10.90 10.76
N ILE A 65 -2.09 -10.46 9.97
CA ILE A 65 -2.22 -10.89 8.59
C ILE A 65 -1.49 -9.87 7.73
N TYR A 66 -0.52 -10.34 6.94
CA TYR A 66 0.24 -9.51 6.02
C TYR A 66 -0.16 -9.88 4.61
N VAL A 67 -0.61 -8.89 3.85
CA VAL A 67 -0.94 -9.04 2.43
C VAL A 67 0.18 -8.37 1.66
N ILE A 68 0.85 -9.16 0.81
CA ILE A 68 2.16 -8.84 0.25
C ILE A 68 2.05 -8.81 -1.26
N GLY A 69 2.50 -7.70 -1.85
CA GLY A 69 2.64 -7.59 -3.29
C GLY A 69 1.29 -7.66 -3.99
N GLY A 70 1.31 -8.29 -5.16
CA GLY A 70 0.12 -8.49 -5.95
C GLY A 70 0.07 -7.60 -7.17
N TYR A 71 -1.11 -7.57 -7.79
CA TYR A 71 -1.34 -6.83 -9.03
C TYR A 71 -2.77 -6.32 -8.99
N ASP A 72 -2.94 -5.01 -9.13
CA ASP A 72 -4.25 -4.38 -8.98
C ASP A 72 -4.96 -4.16 -10.30
N GLY A 73 -4.48 -4.75 -11.38
CA GLY A 73 -5.05 -4.53 -12.69
C GLY A 73 -4.39 -3.40 -13.45
N ARG A 74 -3.54 -2.62 -12.79
CA ARG A 74 -2.80 -1.52 -13.39
C ARG A 74 -1.30 -1.67 -13.19
N SER A 75 -0.86 -1.83 -11.95
CA SER A 75 0.54 -2.01 -11.60
C SER A 75 0.67 -3.19 -10.65
N ARG A 76 1.85 -3.78 -10.62
CA ARG A 76 2.17 -4.74 -9.58
C ARG A 76 2.86 -4.01 -8.43
N LEU A 77 2.50 -4.40 -7.22
CA LEU A 77 2.57 -3.52 -6.06
C LEU A 77 3.80 -3.82 -5.20
N SER A 78 4.56 -2.77 -4.91
CA SER A 78 5.49 -2.82 -3.79
C SER A 78 4.75 -2.95 -2.46
N SER A 79 3.59 -2.31 -2.36
CA SER A 79 2.91 -2.11 -1.08
C SER A 79 2.65 -3.42 -0.35
N VAL A 80 2.76 -3.37 0.97
CA VAL A 80 2.38 -4.46 1.88
C VAL A 80 1.48 -3.87 2.95
N GLU A 81 0.40 -4.58 3.28
CA GLU A 81 -0.49 -4.07 4.32
C GLU A 81 -0.81 -5.16 5.34
N CYS A 82 -1.25 -4.71 6.51
CA CYS A 82 -1.32 -5.51 7.72
C CYS A 82 -2.67 -5.31 8.40
N LEU A 83 -3.13 -6.38 9.04
CA LEU A 83 -4.31 -6.35 9.90
C LEU A 83 -4.04 -7.12 11.18
N ASP A 84 -4.37 -6.51 12.32
CA ASP A 84 -4.18 -7.16 13.63
C ASP A 84 -5.44 -7.93 13.98
N TYR A 85 -5.32 -9.25 14.11
CA TYR A 85 -6.47 -10.11 14.35
C TYR A 85 -6.93 -10.02 15.80
N GLY A 91 -11.42 -4.86 13.34
CA GLY A 91 -10.08 -4.77 12.80
C GLY A 91 -9.97 -3.77 11.66
N VAL A 92 -8.77 -3.21 11.49
CA VAL A 92 -8.52 -2.18 10.48
C VAL A 92 -7.26 -2.54 9.71
N TRP A 93 -7.28 -2.28 8.41
CA TRP A 93 -6.14 -2.57 7.53
C TRP A 93 -5.30 -1.32 7.30
N TYR A 94 -3.99 -1.46 7.46
CA TYR A 94 -3.07 -0.33 7.29
C TYR A 94 -1.83 -0.78 6.56
N SER A 95 -1.17 0.15 5.87
CA SER A 95 0.05 -0.20 5.14
C SER A 95 1.26 -0.22 6.07
N VAL A 96 2.28 -1.00 5.68
CA VAL A 96 3.55 -1.01 6.37
C VAL A 96 4.65 -0.68 5.38
N ALA A 97 5.90 -0.90 5.75
CA ALA A 97 7.01 -0.56 4.88
C ALA A 97 6.94 -1.39 3.61
N PRO A 98 7.07 -0.78 2.44
CA PRO A 98 6.97 -1.53 1.19
C PRO A 98 8.25 -2.31 0.89
N MET A 99 8.10 -3.32 0.04
CA MET A 99 9.23 -4.13 -0.39
C MET A 99 10.15 -3.32 -1.32
N ASN A 100 11.38 -3.82 -1.46
CA ASN A 100 12.31 -3.17 -2.37
C ASN A 100 11.98 -3.46 -3.83
N VAL A 101 11.15 -4.46 -4.08
CA VAL A 101 10.80 -4.87 -5.44
C VAL A 101 9.28 -4.94 -5.56
N ARG A 102 8.75 -4.49 -6.69
CA ARG A 102 7.36 -4.77 -7.04
C ARG A 102 7.24 -6.24 -7.38
N ARG A 103 6.38 -6.96 -6.64
CA ARG A 103 6.31 -8.41 -6.76
C ARG A 103 4.87 -8.85 -6.96
N GLY A 104 4.59 -9.44 -8.12
CA GLY A 104 3.37 -10.16 -8.37
C GLY A 104 3.67 -11.65 -8.51
N LEU A 105 2.87 -12.47 -7.82
CA LEU A 105 3.04 -13.92 -7.83
C LEU A 105 4.37 -14.33 -7.21
N ALA A 106 4.64 -13.82 -6.02
CA ALA A 106 5.83 -14.16 -5.26
C ALA A 106 5.51 -15.21 -4.20
N GLY A 107 6.54 -15.94 -3.79
CA GLY A 107 6.42 -16.87 -2.68
C GLY A 107 6.71 -16.16 -1.37
N ALA A 108 5.93 -16.49 -0.35
CA ALA A 108 6.04 -15.84 0.95
C ALA A 108 5.91 -16.87 2.06
N THR A 109 6.70 -16.67 3.11
CA THR A 109 6.71 -17.59 4.25
C THR A 109 7.22 -16.85 5.48
N THR A 110 7.17 -17.53 6.62
CA THR A 110 7.69 -17.01 7.87
C THR A 110 8.87 -17.85 8.34
N LEU A 111 9.89 -17.18 8.87
CA LEU A 111 11.03 -17.88 9.46
C LEU A 111 11.51 -17.09 10.66
N GLY A 112 11.76 -17.78 11.76
CA GLY A 112 12.00 -17.08 13.01
C GLY A 112 10.82 -16.20 13.34
N ASP A 113 11.06 -14.90 13.40
CA ASP A 113 9.98 -13.92 13.47
C ASP A 113 10.17 -12.86 12.41
N MET A 114 10.43 -13.31 11.18
CA MET A 114 10.54 -12.41 10.04
C MET A 114 9.83 -13.03 8.84
N ILE A 115 9.52 -12.19 7.86
CA ILE A 115 8.82 -12.62 6.66
C ILE A 115 9.81 -12.73 5.52
N TYR A 116 9.76 -13.82 4.77
CA TYR A 116 10.61 -14.00 3.61
C TYR A 116 9.75 -14.05 2.36
N VAL A 117 10.09 -13.23 1.37
CA VAL A 117 9.37 -13.17 0.10
C VAL A 117 10.38 -13.26 -1.03
N SER A 118 10.20 -14.23 -1.91
CA SER A 118 11.12 -14.46 -3.02
C SER A 118 10.37 -14.53 -4.34
N GLY A 119 11.08 -14.25 -5.42
CA GLY A 119 10.55 -14.33 -6.77
C GLY A 119 9.47 -13.30 -7.04
N GLY A 120 8.75 -13.53 -8.14
CA GLY A 120 7.68 -12.68 -8.57
C GLY A 120 7.97 -12.02 -9.91
N PHE A 121 7.02 -11.20 -10.34
CA PHE A 121 7.08 -10.46 -11.60
C PHE A 121 6.71 -9.01 -11.32
N ASP A 122 7.47 -8.08 -11.88
CA ASP A 122 7.24 -6.66 -11.65
C ASP A 122 6.59 -5.97 -12.84
N GLY A 123 6.16 -6.72 -13.86
CA GLY A 123 5.60 -6.15 -15.06
C GLY A 123 6.54 -6.17 -16.25
N SER A 124 7.83 -6.43 -16.03
CA SER A 124 8.78 -6.51 -17.14
C SER A 124 9.82 -7.61 -17.00
N ARG A 125 10.22 -8.00 -15.79
CA ARG A 125 11.21 -9.04 -15.60
C ARG A 125 10.86 -9.88 -14.37
N ARG A 126 11.18 -11.17 -14.44
CA ARG A 126 11.01 -12.04 -13.29
C ARG A 126 12.21 -11.93 -12.37
N HIS A 127 12.00 -12.27 -11.10
CA HIS A 127 12.94 -11.94 -10.04
C HIS A 127 13.64 -13.17 -9.50
N THR A 128 14.96 -13.08 -9.36
CA THR A 128 15.75 -14.00 -8.55
C THR A 128 15.84 -13.53 -7.11
N SER A 129 15.58 -12.25 -6.86
CA SER A 129 15.67 -11.65 -5.53
C SER A 129 14.80 -12.36 -4.50
N MET A 130 15.28 -12.36 -3.25
CA MET A 130 14.47 -12.60 -2.07
C MET A 130 14.75 -11.48 -1.07
N GLU A 131 13.74 -11.13 -0.28
CA GLU A 131 13.89 -10.12 0.75
C GLU A 131 13.18 -10.56 2.03
N ARG A 132 13.49 -9.85 3.11
CA ARG A 132 13.10 -10.21 4.46
C ARG A 132 12.51 -8.99 5.16
N TYR A 133 11.34 -9.17 5.76
CA TYR A 133 10.67 -8.12 6.53
C TYR A 133 10.89 -8.38 8.01
N ASP A 134 11.49 -7.39 8.68
CA ASP A 134 11.62 -7.36 10.13
C ASP A 134 10.58 -6.42 10.70
N PRO A 135 9.66 -6.92 11.55
CA PRO A 135 8.61 -6.06 12.11
C PRO A 135 9.10 -5.14 13.23
N ASN A 136 10.15 -5.55 13.93
CA ASN A 136 10.62 -4.76 15.06
C ASN A 136 11.29 -3.47 14.61
N ILE A 137 11.82 -3.44 13.40
CA ILE A 137 12.37 -2.23 12.80
C ILE A 137 11.58 -1.78 11.59
N ASP A 138 10.56 -2.53 11.18
CA ASP A 138 9.72 -2.19 10.03
C ASP A 138 10.58 -2.00 8.77
N GLN A 139 11.30 -3.05 8.40
CA GLN A 139 12.27 -2.91 7.31
C GLN A 139 12.23 -4.12 6.39
N TRP A 140 12.45 -3.86 5.09
CA TRP A 140 12.66 -4.89 4.09
C TRP A 140 14.12 -4.88 3.68
N SER A 141 14.79 -6.03 3.81
CA SER A 141 16.21 -6.17 3.53
C SER A 141 16.42 -7.20 2.43
N MET A 142 17.23 -6.85 1.44
CA MET A 142 17.55 -7.77 0.36
C MET A 142 18.47 -8.88 0.85
N LEU A 143 18.28 -10.08 0.33
CA LEU A 143 19.18 -11.20 0.60
C LEU A 143 19.65 -11.81 -0.72
N GLY A 144 20.15 -13.05 -0.64
CA GLY A 144 20.75 -13.68 -1.79
C GLY A 144 19.73 -14.01 -2.88
N ASP A 145 20.22 -14.01 -4.12
CA ASP A 145 19.39 -14.28 -5.29
C ASP A 145 19.35 -15.77 -5.59
N MET A 146 18.21 -16.22 -6.09
CA MET A 146 18.09 -17.58 -6.60
C MET A 146 18.86 -17.73 -7.91
N GLN A 147 19.09 -18.98 -8.30
CA GLN A 147 19.76 -19.23 -9.57
C GLN A 147 18.86 -18.90 -10.76
N THR A 148 17.57 -19.18 -10.64
CA THR A 148 16.60 -18.95 -11.70
C THR A 148 15.53 -18.00 -11.22
N ALA A 149 15.22 -16.98 -12.02
CA ALA A 149 14.08 -16.12 -11.73
C ALA A 149 12.79 -16.90 -11.89
N ARG A 150 11.88 -16.74 -10.95
CA ARG A 150 10.63 -17.51 -10.95
C ARG A 150 9.47 -16.62 -10.50
N GLU A 151 8.38 -16.66 -11.26
CA GLU A 151 7.11 -16.11 -10.83
C GLU A 151 6.12 -17.27 -10.68
N GLY A 152 5.17 -17.11 -9.76
CA GLY A 152 4.25 -18.19 -9.48
C GLY A 152 4.88 -19.36 -8.76
N ALA A 153 6.01 -19.16 -8.10
CA ALA A 153 6.68 -20.21 -7.35
C ALA A 153 6.20 -20.21 -5.91
N GLY A 154 6.35 -21.36 -5.25
CA GLY A 154 5.94 -21.52 -3.88
C GLY A 154 7.10 -21.39 -2.92
N LEU A 155 6.81 -20.85 -1.73
CA LEU A 155 7.79 -20.72 -0.66
C LEU A 155 7.31 -21.45 0.57
N VAL A 156 8.20 -22.22 1.19
CA VAL A 156 7.88 -22.98 2.40
C VAL A 156 9.13 -23.06 3.26
N VAL A 157 8.95 -23.35 4.53
CA VAL A 157 10.05 -23.56 5.46
C VAL A 157 10.02 -25.00 5.95
N ALA A 158 11.16 -25.66 5.91
CA ALA A 158 11.31 -27.05 6.31
C ALA A 158 12.63 -27.20 7.05
N SER A 159 12.55 -27.68 8.29
CA SER A 159 13.71 -27.85 9.17
C SER A 159 14.56 -26.58 9.23
N GLY A 160 13.88 -25.44 9.36
CA GLY A 160 14.57 -24.17 9.47
C GLY A 160 15.23 -23.68 8.21
N VAL A 161 14.96 -24.31 7.07
CA VAL A 161 15.56 -23.93 5.79
C VAL A 161 14.46 -23.59 4.80
N ILE A 162 14.69 -22.58 3.98
CA ILE A 162 13.68 -22.07 3.06
C ILE A 162 13.79 -22.79 1.73
N TYR A 163 12.66 -23.28 1.23
CA TYR A 163 12.57 -23.93 -0.08
C TYR A 163 11.64 -23.12 -0.97
N CYS A 164 12.04 -22.96 -2.23
CA CYS A 164 11.24 -22.33 -3.25
C CYS A 164 11.10 -23.29 -4.41
N LEU A 165 9.87 -23.51 -4.87
CA LEU A 165 9.54 -24.62 -5.74
C LEU A 165 8.76 -24.12 -6.96
N GLY A 166 9.12 -24.65 -8.13
CA GLY A 166 8.37 -24.42 -9.35
C GLY A 166 8.50 -23.02 -9.89
N GLY A 167 7.44 -22.56 -10.54
CA GLY A 167 7.36 -21.21 -11.06
C GLY A 167 7.48 -21.16 -12.57
N TYR A 168 7.85 -19.98 -13.07
CA TYR A 168 7.92 -19.72 -14.50
C TYR A 168 8.89 -18.57 -14.70
N ASP A 169 9.87 -18.77 -15.60
CA ASP A 169 10.98 -17.84 -15.76
C ASP A 169 10.83 -16.95 -17.00
N GLY A 170 9.65 -16.89 -17.59
CA GLY A 170 9.47 -16.22 -18.85
C GLY A 170 9.67 -17.10 -20.07
N LEU A 171 10.29 -18.27 -19.89
CA LEU A 171 10.55 -19.18 -21.01
C LEU A 171 9.83 -20.51 -20.78
N ASN A 172 10.20 -21.28 -19.77
CA ASN A 172 9.64 -22.60 -19.52
C ASN A 172 9.00 -22.63 -18.15
N ILE A 173 7.97 -23.49 -18.01
CA ILE A 173 7.49 -23.84 -16.68
C ILE A 173 8.55 -24.68 -15.99
N LEU A 174 8.71 -24.51 -14.69
CA LEU A 174 9.85 -25.06 -13.97
C LEU A 174 9.44 -26.20 -13.04
N ASN A 175 10.26 -27.25 -13.05
CA ASN A 175 10.27 -28.27 -12.01
C ASN A 175 11.42 -28.06 -11.04
N SER A 176 12.26 -27.06 -11.30
CA SER A 176 13.39 -26.75 -10.41
C SER A 176 12.92 -26.40 -9.01
N VAL A 177 13.67 -26.87 -8.02
CA VAL A 177 13.45 -26.51 -6.62
C VAL A 177 14.79 -26.03 -6.06
N GLU A 178 14.77 -24.92 -5.34
CA GLU A 178 15.96 -24.35 -4.74
C GLU A 178 15.78 -24.23 -3.23
N LYS A 179 16.90 -24.28 -2.51
CA LYS A 179 16.93 -24.16 -1.07
C LYS A 179 17.97 -23.11 -0.68
N TYR A 180 17.66 -22.30 0.33
CA TYR A 180 18.50 -21.16 0.68
C TYR A 180 19.47 -21.50 1.78
N ASP A 181 20.74 -21.09 1.62
CA ASP A 181 21.77 -21.26 2.62
C ASP A 181 22.09 -19.90 3.25
N PRO A 182 21.66 -19.63 4.47
CA PRO A 182 21.93 -18.31 5.07
C PRO A 182 23.42 -18.05 5.31
N HIS A 183 24.21 -19.09 5.60
CA HIS A 183 25.62 -18.89 5.92
C HIS A 183 26.44 -18.39 4.73
N THR A 184 25.96 -18.60 3.50
CA THR A 184 26.65 -18.14 2.32
C THR A 184 25.91 -17.06 1.55
N GLY A 185 24.59 -16.97 1.69
CA GLY A 185 23.83 -16.03 0.91
C GLY A 185 23.48 -16.51 -0.48
N HIS A 186 23.56 -17.81 -0.72
CA HIS A 186 23.29 -18.38 -2.03
C HIS A 186 22.23 -19.46 -1.90
N TRP A 187 21.69 -19.88 -3.05
CA TRP A 187 20.73 -20.95 -3.13
C TRP A 187 21.38 -22.16 -3.81
N THR A 188 21.06 -23.35 -3.31
CA THR A 188 21.53 -24.59 -3.89
C THR A 188 20.33 -25.37 -4.42
N ASN A 189 20.54 -26.07 -5.53
CA ASN A 189 19.47 -26.86 -6.12
C ASN A 189 19.29 -28.17 -5.35
N VAL A 190 18.06 -28.65 -5.32
CA VAL A 190 17.74 -29.95 -4.75
C VAL A 190 17.09 -30.78 -5.85
N THR A 191 16.70 -32.00 -5.53
CA THR A 191 16.08 -32.86 -6.54
C THR A 191 14.81 -32.20 -7.07
N PRO A 192 14.67 -32.04 -8.39
CA PRO A 192 13.51 -31.36 -8.93
C PRO A 192 12.26 -32.21 -8.79
N MET A 193 11.11 -31.55 -8.99
CA MET A 193 9.84 -32.26 -8.96
C MET A 193 9.65 -33.06 -10.24
N ALA A 194 8.76 -34.06 -10.17
CA ALA A 194 8.47 -34.88 -11.33
C ALA A 194 7.80 -34.06 -12.43
N THR A 195 6.89 -33.16 -12.06
CA THR A 195 6.16 -32.34 -13.01
C THR A 195 6.52 -30.88 -12.82
N LYS A 196 6.84 -30.21 -13.91
CA LYS A 196 7.02 -28.76 -13.88
C LYS A 196 5.70 -28.09 -13.54
N ARG A 197 5.71 -27.19 -12.56
CA ARG A 197 4.47 -26.60 -12.07
C ARG A 197 4.65 -25.11 -11.85
N SER A 198 3.66 -24.34 -12.32
CA SER A 198 3.54 -22.92 -12.01
C SER A 198 2.19 -22.68 -11.37
N GLY A 199 2.16 -21.82 -10.36
CA GLY A 199 0.93 -21.59 -9.63
C GLY A 199 0.49 -22.77 -8.79
N ALA A 200 1.41 -23.61 -8.35
CA ALA A 200 1.06 -24.71 -7.46
C ALA A 200 1.08 -24.23 -6.02
N GLY A 201 0.25 -24.87 -5.18
CA GLY A 201 0.25 -24.59 -3.76
C GLY A 201 1.30 -25.43 -3.05
N VAL A 202 2.00 -24.80 -2.10
CA VAL A 202 3.11 -25.43 -1.41
C VAL A 202 2.86 -25.34 0.09
N ALA A 203 3.01 -26.45 0.80
CA ALA A 203 2.89 -26.45 2.25
C ALA A 203 3.77 -27.54 2.83
N LEU A 204 3.98 -27.48 4.14
CA LEU A 204 4.69 -28.51 4.87
C LEU A 204 3.72 -29.24 5.78
N LEU A 205 3.62 -30.55 5.62
CA LEU A 205 2.73 -31.39 6.42
C LEU A 205 3.56 -32.55 6.96
N ASN A 206 3.65 -32.64 8.28
CA ASN A 206 4.51 -33.60 8.96
C ASN A 206 5.92 -33.55 8.36
N ASP A 207 6.40 -34.69 7.86
CA ASP A 207 7.75 -34.80 7.33
C ASP A 207 7.81 -34.65 5.81
N HIS A 208 6.76 -34.08 5.19
CA HIS A 208 6.71 -33.98 3.74
C HIS A 208 6.29 -32.58 3.30
N ILE A 209 6.99 -32.05 2.31
CA ILE A 209 6.58 -30.84 1.62
C ILE A 209 5.62 -31.24 0.50
N TYR A 210 4.37 -30.80 0.62
CA TYR A 210 3.36 -31.10 -0.38
C TYR A 210 3.25 -29.97 -1.40
N VAL A 211 3.26 -30.35 -2.67
CA VAL A 211 3.01 -29.45 -3.79
C VAL A 211 1.74 -29.94 -4.48
N VAL A 212 0.75 -29.05 -4.59
CA VAL A 212 -0.58 -29.41 -5.06
C VAL A 212 -0.89 -28.61 -6.32
N GLY A 213 -1.40 -29.30 -7.34
CA GLY A 213 -1.93 -28.65 -8.52
C GLY A 213 -0.87 -27.94 -9.33
N GLY A 214 -1.24 -26.81 -9.91
CA GLY A 214 -0.37 -26.03 -10.75
C GLY A 214 -0.68 -26.19 -12.23
N PHE A 215 0.24 -25.66 -13.04
CA PHE A 215 0.12 -25.71 -14.49
C PHE A 215 1.47 -26.10 -15.08
N ASP A 216 1.48 -27.06 -15.99
CA ASP A 216 2.72 -27.62 -16.51
C ASP A 216 3.06 -27.12 -17.91
N GLY A 217 2.38 -26.09 -18.39
CA GLY A 217 2.58 -25.59 -19.73
C GLY A 217 1.51 -26.00 -20.73
N THR A 218 0.81 -27.11 -20.48
CA THR A 218 -0.24 -27.56 -21.38
C THR A 218 -1.52 -27.93 -20.65
N ALA A 219 -1.41 -28.44 -19.42
CA ALA A 219 -2.55 -28.95 -18.70
C ALA A 219 -2.63 -28.36 -17.30
N HIS A 220 -3.86 -28.17 -16.83
CA HIS A 220 -4.08 -27.78 -15.44
C HIS A 220 -4.08 -29.02 -14.56
N LEU A 221 -3.30 -28.99 -13.49
CA LEU A 221 -2.94 -30.18 -12.75
C LEU A 221 -3.81 -30.37 -11.51
N SER A 222 -4.18 -31.63 -11.26
CA SER A 222 -4.67 -32.06 -9.96
C SER A 222 -3.65 -32.91 -9.22
N SER A 223 -2.57 -33.31 -9.89
CA SER A 223 -1.52 -34.12 -9.30
C SER A 223 -0.92 -33.44 -8.06
N VAL A 224 -0.48 -34.26 -7.11
CA VAL A 224 0.18 -33.78 -5.89
C VAL A 224 1.46 -34.56 -5.67
N GLU A 225 2.52 -33.86 -5.27
CA GLU A 225 3.80 -34.45 -4.96
C GLU A 225 4.19 -34.17 -3.51
N ALA A 226 4.91 -35.10 -2.91
CA ALA A 226 5.37 -34.97 -1.53
C ALA A 226 6.87 -35.23 -1.47
N TYR A 227 7.60 -34.28 -0.90
CA TYR A 227 9.06 -34.37 -0.77
C TYR A 227 9.38 -34.70 0.67
N ASN A 228 10.08 -35.81 0.88
CA ASN A 228 10.41 -36.28 2.22
C ASN A 228 11.59 -35.50 2.76
N ILE A 229 11.37 -34.80 3.89
CA ILE A 229 12.44 -34.01 4.50
C ILE A 229 13.59 -34.91 4.91
N ARG A 230 13.29 -36.10 5.46
CA ARG A 230 14.33 -36.96 5.98
C ARG A 230 15.12 -37.66 4.88
N THR A 231 14.43 -38.17 3.84
CA THR A 231 15.08 -38.95 2.80
C THR A 231 15.46 -38.12 1.59
N ASP A 232 14.95 -36.89 1.46
CA ASP A 232 15.22 -36.02 0.31
C ASP A 232 14.83 -36.68 -1.01
N SER A 233 13.63 -37.27 -1.03
CA SER A 233 13.11 -37.96 -2.21
C SER A 233 11.65 -37.56 -2.42
N TRP A 234 11.25 -37.56 -3.69
CA TRP A 234 9.91 -37.16 -4.09
C TRP A 234 9.02 -38.39 -4.28
N THR A 235 7.73 -38.21 -3.96
CA THR A 235 6.71 -39.24 -4.13
C THR A 235 5.48 -38.60 -4.75
N THR A 236 4.68 -39.40 -5.43
CA THR A 236 3.38 -38.95 -5.93
C THR A 236 2.31 -39.37 -4.94
N VAL A 237 1.30 -38.50 -4.77
CA VAL A 237 0.24 -38.74 -3.80
C VAL A 237 -1.09 -38.72 -4.56
N THR A 238 -2.10 -39.34 -3.96
CA THR A 238 -3.46 -39.26 -4.48
C THR A 238 -3.81 -37.83 -4.85
N SER A 239 -4.24 -37.64 -6.10
CA SER A 239 -4.46 -36.30 -6.63
C SER A 239 -5.78 -35.73 -6.09
N MET A 240 -5.90 -34.41 -6.19
CA MET A 240 -7.04 -33.70 -5.65
C MET A 240 -8.32 -34.03 -6.42
N THR A 241 -9.45 -33.64 -5.83
CA THR A 241 -10.74 -33.92 -6.45
C THR A 241 -10.94 -33.19 -7.77
N THR A 242 -10.14 -32.16 -8.04
CA THR A 242 -10.30 -31.35 -9.24
C THR A 242 -8.98 -30.69 -9.55
N PRO A 243 -8.70 -30.41 -10.82
CA PRO A 243 -7.50 -29.62 -11.14
C PRO A 243 -7.59 -28.23 -10.52
N ARG A 244 -6.47 -27.77 -9.98
CA ARG A 244 -6.38 -26.45 -9.38
C ARG A 244 -5.02 -25.86 -9.71
N CYS A 245 -5.01 -24.69 -10.34
CA CYS A 245 -3.79 -23.93 -10.52
C CYS A 245 -3.97 -22.57 -9.86
N TYR A 246 -2.88 -22.04 -9.32
CA TYR A 246 -2.91 -20.82 -8.51
C TYR A 246 -3.89 -21.00 -7.35
N VAL A 247 -3.76 -22.15 -6.69
CA VAL A 247 -4.58 -22.57 -5.56
C VAL A 247 -3.77 -22.38 -4.28
N GLY A 248 -4.44 -21.92 -3.22
CA GLY A 248 -3.78 -21.83 -1.93
C GLY A 248 -3.61 -23.20 -1.30
N ALA A 249 -2.55 -23.34 -0.51
CA ALA A 249 -2.30 -24.57 0.22
C ALA A 249 -1.83 -24.22 1.61
N THR A 250 -2.44 -24.83 2.63
CA THR A 250 -2.04 -24.53 4.00
C THR A 250 -2.30 -25.77 4.86
N VAL A 251 -1.91 -25.68 6.13
CA VAL A 251 -2.13 -26.74 7.11
C VAL A 251 -2.90 -26.14 8.28
N LEU A 252 -4.05 -26.72 8.58
CA LEU A 252 -4.89 -26.28 9.68
C LEU A 252 -5.10 -27.47 10.62
N ARG A 253 -4.65 -27.31 11.86
CA ARG A 253 -4.78 -28.35 12.88
C ARG A 253 -4.34 -29.71 12.36
N GLY A 254 -3.21 -29.73 11.66
CA GLY A 254 -2.61 -30.95 11.18
C GLY A 254 -3.18 -31.50 9.89
N ARG A 255 -4.12 -30.82 9.24
CA ARG A 255 -4.69 -31.30 7.99
C ARG A 255 -4.35 -30.35 6.85
N LEU A 256 -4.00 -30.92 5.70
CA LEU A 256 -3.63 -30.14 4.53
C LEU A 256 -4.88 -29.69 3.79
N TYR A 257 -4.95 -28.40 3.45
CA TYR A 257 -6.11 -27.82 2.79
C TYR A 257 -5.69 -27.17 1.48
N ALA A 258 -6.46 -27.44 0.43
CA ALA A 258 -6.35 -26.78 -0.86
C ALA A 258 -7.52 -25.81 -1.01
N ILE A 259 -7.21 -24.59 -1.45
CA ILE A 259 -8.09 -23.43 -1.34
C ILE A 259 -8.27 -22.83 -2.73
N ALA A 260 -9.48 -22.96 -3.26
CA ALA A 260 -9.93 -22.23 -4.47
C ALA A 260 -9.03 -22.61 -5.64
N GLY A 261 -8.73 -21.67 -6.55
CA GLY A 261 -7.91 -21.94 -7.71
C GLY A 261 -8.72 -21.91 -8.99
N TYR A 262 -8.02 -22.22 -10.09
CA TYR A 262 -8.62 -22.28 -11.42
C TYR A 262 -8.54 -23.72 -11.92
N ASP A 263 -9.69 -24.28 -12.32
CA ASP A 263 -9.77 -25.68 -12.72
C ASP A 263 -9.57 -25.89 -14.21
N GLY A 264 -9.14 -24.87 -14.95
CA GLY A 264 -9.01 -24.94 -16.38
C GLY A 264 -10.14 -24.31 -17.16
N ASN A 265 -11.29 -24.11 -16.53
CA ASN A 265 -12.44 -23.51 -17.20
C ASN A 265 -13.15 -22.46 -16.37
N SER A 266 -13.18 -22.57 -15.05
CA SER A 266 -13.90 -21.64 -14.20
C SER A 266 -13.15 -21.47 -12.90
N LEU A 267 -13.37 -20.32 -12.25
CA LEU A 267 -12.85 -20.13 -10.91
C LEU A 267 -13.55 -21.07 -9.94
N LEU A 268 -12.88 -21.32 -8.81
CA LEU A 268 -13.34 -22.33 -7.85
C LEU A 268 -13.69 -21.68 -6.52
N SER A 269 -14.79 -22.16 -5.93
CA SER A 269 -15.15 -21.88 -4.56
C SER A 269 -14.63 -22.92 -3.59
N SER A 270 -14.33 -24.11 -4.10
CA SER A 270 -14.05 -25.28 -3.27
C SER A 270 -12.89 -25.06 -2.30
N ILE A 271 -13.02 -25.63 -1.11
CA ILE A 271 -11.94 -25.89 -0.19
C ILE A 271 -12.01 -27.37 0.10
N GLU A 272 -10.90 -28.08 -0.16
CA GLU A 272 -10.85 -29.52 0.05
C GLU A 272 -9.70 -29.89 0.99
N CYS A 273 -9.86 -31.02 1.66
CA CYS A 273 -8.95 -31.48 2.70
C CYS A 273 -8.30 -32.80 2.31
N TYR A 274 -7.06 -32.99 2.75
CA TYR A 274 -6.31 -34.19 2.48
C TYR A 274 -6.31 -35.07 3.72
N ASP A 275 -6.91 -36.26 3.59
CA ASP A 275 -7.01 -37.25 4.66
C ASP A 275 -5.81 -38.18 4.62
N PRO A 276 -4.83 -38.02 5.51
CA PRO A 276 -3.63 -38.87 5.42
C PRO A 276 -3.88 -40.32 5.83
N ILE A 277 -4.80 -40.59 6.75
CA ILE A 277 -4.96 -41.95 7.24
C ILE A 277 -5.63 -42.84 6.20
N ILE A 278 -6.68 -42.33 5.55
CA ILE A 278 -7.35 -43.06 4.47
C ILE A 278 -6.81 -42.66 3.10
N ASP A 279 -5.94 -41.64 3.04
CA ASP A 279 -5.32 -41.13 1.80
C ASP A 279 -6.36 -40.84 0.72
N SER A 280 -7.12 -39.79 0.98
CA SER A 280 -8.11 -39.33 0.01
C SER A 280 -8.36 -37.84 0.20
N TRP A 281 -8.87 -37.21 -0.87
CA TRP A 281 -9.26 -35.82 -0.88
C TRP A 281 -10.78 -35.73 -0.92
N GLU A 282 -11.35 -34.81 -0.16
CA GLU A 282 -12.77 -34.53 -0.22
C GLU A 282 -12.99 -33.05 -0.04
N VAL A 283 -13.91 -32.49 -0.84
CA VAL A 283 -14.25 -31.08 -0.69
C VAL A 283 -14.99 -30.91 0.63
N VAL A 284 -14.51 -29.98 1.46
CA VAL A 284 -15.07 -29.84 2.79
C VAL A 284 -15.98 -28.62 2.87
N THR A 285 -15.66 -27.56 2.12
CA THR A 285 -16.47 -26.35 2.24
C THR A 285 -16.31 -25.51 0.97
N SER A 286 -17.03 -24.39 0.92
CA SER A 286 -16.90 -23.44 -0.17
C SER A 286 -17.12 -22.04 0.35
N MET A 287 -16.37 -21.09 -0.20
CA MET A 287 -16.47 -19.69 0.22
C MET A 287 -17.63 -19.01 -0.47
N GLY A 288 -17.83 -17.72 -0.15
CA GLY A 288 -18.83 -16.92 -0.82
C GLY A 288 -18.36 -16.30 -2.12
N THR A 289 -17.08 -16.49 -2.46
CA THR A 289 -16.49 -15.92 -3.66
C THR A 289 -15.66 -16.98 -4.37
N GLN A 290 -15.60 -16.87 -5.69
CA GLN A 290 -14.72 -17.69 -6.51
C GLN A 290 -13.43 -16.92 -6.76
N ARG A 291 -12.29 -17.51 -6.42
CA ARG A 291 -11.01 -16.83 -6.56
C ARG A 291 -9.96 -17.78 -7.08
N CYS A 292 -8.95 -17.20 -7.72
CA CYS A 292 -7.68 -17.86 -8.01
C CYS A 292 -6.56 -16.90 -7.66
N ASP A 293 -5.36 -17.47 -7.48
CA ASP A 293 -4.15 -16.76 -7.04
C ASP A 293 -4.43 -15.75 -5.94
N ALA A 294 -5.25 -16.13 -4.97
CA ALA A 294 -5.49 -15.34 -3.78
C ALA A 294 -4.48 -15.74 -2.68
N GLY A 295 -4.28 -14.83 -1.74
CA GLY A 295 -3.39 -15.12 -0.62
C GLY A 295 -4.11 -15.94 0.44
N VAL A 296 -3.38 -16.88 1.03
CA VAL A 296 -3.92 -17.79 2.03
C VAL A 296 -3.02 -17.79 3.25
N CYS A 297 -3.62 -17.84 4.43
CA CYS A 297 -2.83 -17.90 5.66
C CYS A 297 -3.64 -18.59 6.74
N VAL A 298 -2.93 -19.10 7.75
CA VAL A 298 -3.52 -19.78 8.90
C VAL A 298 -3.17 -18.97 10.14
N LEU A 299 -4.17 -18.72 10.98
CA LEU A 299 -3.96 -17.92 12.18
C LEU A 299 -4.45 -18.66 13.42
N ARG A 300 -3.65 -18.60 14.48
CA ARG A 300 -3.97 -19.27 15.73
C ARG A 300 -4.75 -18.31 16.63
N GLU A 301 -5.86 -18.80 17.18
CA GLU A 301 -6.69 -18.00 18.08
C GLU A 301 -6.35 -18.28 19.54
N ALA B 13 10.00 -0.01 -7.52
CA ALA B 13 9.43 0.14 -6.18
C ALA B 13 9.97 1.39 -5.50
N ASN B 14 10.89 2.07 -6.17
CA ASN B 14 11.44 3.30 -5.62
C ASN B 14 10.42 4.42 -5.69
N GLU B 15 10.37 5.24 -4.64
CA GLU B 15 9.43 6.35 -4.54
C GLU B 15 10.21 7.65 -4.38
N VAL B 16 9.89 8.63 -5.23
CA VAL B 16 10.56 9.92 -5.24
C VAL B 16 9.59 11.00 -4.79
N LEU B 17 10.13 12.05 -4.20
CA LEU B 17 9.34 13.17 -3.68
C LEU B 17 9.36 14.32 -4.67
N LEU B 18 8.22 14.98 -4.86
CA LEU B 18 8.12 16.14 -5.73
C LEU B 18 7.48 17.29 -4.99
N VAL B 19 8.10 18.47 -5.08
CA VAL B 19 7.65 19.69 -4.41
C VAL B 19 7.43 20.75 -5.48
N VAL B 20 6.24 21.35 -5.47
CA VAL B 20 5.80 22.25 -6.54
C VAL B 20 5.37 23.58 -5.94
N GLY B 21 5.83 24.67 -6.55
CA GLY B 21 5.40 26.03 -6.27
C GLY B 21 5.66 26.46 -4.84
N GLY B 22 4.78 27.33 -4.35
CA GLY B 22 4.84 27.83 -2.99
C GLY B 22 5.26 29.29 -2.92
N PHE B 23 5.60 29.72 -1.70
CA PHE B 23 6.04 31.08 -1.44
C PHE B 23 7.58 31.09 -1.42
N GLY B 24 8.16 31.96 -2.23
CA GLY B 24 9.55 31.85 -2.62
C GLY B 24 10.53 32.77 -1.89
N SER B 25 11.79 32.62 -2.30
CA SER B 25 12.89 33.55 -2.08
C SER B 25 12.51 35.01 -1.96
N GLN B 26 12.05 35.62 -3.06
CA GLN B 26 11.80 37.06 -3.14
C GLN B 26 10.45 37.48 -2.54
N GLN B 27 9.88 36.70 -1.63
CA GLN B 27 8.58 36.98 -1.04
C GLN B 27 7.51 37.12 -2.14
N SER B 28 7.41 36.05 -2.94
CA SER B 28 6.52 36.03 -4.09
C SER B 28 6.18 34.58 -4.42
N PRO B 29 5.02 34.32 -5.01
CA PRO B 29 4.75 32.97 -5.52
C PRO B 29 5.77 32.58 -6.57
N ILE B 30 6.09 31.29 -6.61
CA ILE B 30 7.11 30.76 -7.50
C ILE B 30 6.51 29.64 -8.34
N ASP B 31 7.26 29.23 -9.36
CA ASP B 31 6.87 28.15 -10.26
C ASP B 31 7.81 26.96 -10.20
N VAL B 32 8.72 26.93 -9.23
CA VAL B 32 9.79 25.94 -9.20
C VAL B 32 9.24 24.57 -8.82
N VAL B 33 9.75 23.53 -9.48
CA VAL B 33 9.39 22.15 -9.21
C VAL B 33 10.68 21.39 -8.95
N GLU B 34 10.79 20.79 -7.76
CA GLU B 34 11.98 20.07 -7.36
C GLU B 34 11.64 18.60 -7.08
N LYS B 35 12.63 17.75 -7.34
CA LYS B 35 12.50 16.30 -7.17
C LYS B 35 13.59 15.81 -6.25
N TYR B 36 13.21 15.06 -5.22
CA TYR B 36 14.18 14.39 -4.37
C TYR B 36 14.12 12.89 -4.66
N ASP B 37 15.28 12.34 -5.05
CA ASP B 37 15.42 10.90 -5.20
C ASP B 37 16.19 10.38 -3.99
N PRO B 38 15.55 9.61 -3.11
CA PRO B 38 16.28 9.07 -1.96
C PRO B 38 17.30 8.03 -2.35
N LYS B 39 17.10 7.34 -3.48
CA LYS B 39 18.07 6.35 -3.94
C LYS B 39 19.44 6.98 -4.14
N THR B 40 19.49 8.09 -4.86
CA THR B 40 20.70 8.88 -5.01
C THR B 40 20.86 9.95 -3.93
N GLN B 41 19.84 10.16 -3.10
CA GLN B 41 19.82 11.25 -2.12
C GLN B 41 20.05 12.60 -2.78
N GLU B 42 19.53 12.77 -4.00
CA GLU B 42 19.86 13.93 -4.80
C GLU B 42 18.62 14.71 -5.20
N TRP B 43 18.80 16.01 -5.35
CA TRP B 43 17.72 16.91 -5.77
C TRP B 43 17.92 17.29 -7.23
N SER B 44 16.80 17.39 -7.95
CA SER B 44 16.77 17.70 -9.36
C SER B 44 15.73 18.78 -9.61
N PHE B 45 15.92 19.50 -10.70
CA PHE B 45 14.94 20.50 -11.15
C PHE B 45 14.21 19.94 -12.36
N LEU B 46 12.89 20.12 -12.36
CA LEU B 46 12.02 19.70 -13.44
C LEU B 46 11.48 20.94 -14.16
N PRO B 47 10.85 20.78 -15.31
CA PRO B 47 10.21 21.92 -15.95
C PRO B 47 9.23 22.59 -15.00
N SER B 48 9.22 23.91 -15.00
CA SER B 48 8.44 24.67 -14.05
C SER B 48 6.99 24.79 -14.51
N ILE B 49 6.09 24.95 -13.54
CA ILE B 49 4.67 25.00 -13.85
C ILE B 49 4.34 26.24 -14.65
N THR B 50 3.19 26.18 -15.34
CA THR B 50 2.81 27.25 -16.26
C THR B 50 2.57 28.58 -15.54
N ARG B 51 2.13 28.55 -14.29
CA ARG B 51 1.78 29.74 -13.56
C ARG B 51 2.40 29.71 -12.16
N LYS B 52 2.93 30.84 -11.72
CA LYS B 52 3.40 30.94 -10.35
C LYS B 52 2.24 30.74 -9.39
N ARG B 53 2.37 29.77 -8.49
CA ARG B 53 1.26 29.39 -7.60
C ARG B 53 1.78 29.21 -6.18
N ARG B 54 1.29 30.05 -5.28
CA ARG B 54 1.39 29.79 -3.85
C ARG B 54 0.02 29.34 -3.33
N TYR B 55 -0.01 28.85 -2.10
CA TYR B 55 -1.24 28.29 -1.50
C TYR B 55 -1.78 27.16 -2.36
N VAL B 56 -0.88 26.36 -2.94
CA VAL B 56 -1.25 25.39 -3.96
C VAL B 56 -1.31 24.00 -3.34
N ALA B 57 -1.98 23.08 -4.05
CA ALA B 57 -2.01 21.68 -3.67
C ALA B 57 -1.43 20.83 -4.80
N SER B 58 -1.09 19.58 -4.48
CA SER B 58 -0.57 18.68 -5.50
C SER B 58 -0.83 17.24 -5.08
N VAL B 59 -1.11 16.39 -6.07
CA VAL B 59 -1.46 14.99 -5.82
C VAL B 59 -0.83 14.09 -6.89
N SER B 60 -0.85 12.80 -6.59
CA SER B 60 -0.28 11.75 -7.43
C SER B 60 -1.42 10.86 -7.92
N LEU B 61 -1.52 10.68 -9.24
CA LEU B 61 -2.55 9.80 -9.79
C LEU B 61 -2.03 9.21 -11.10
N HIS B 62 -1.81 7.90 -11.10
CA HIS B 62 -1.39 7.14 -12.29
C HIS B 62 -0.16 7.75 -12.95
N ASP B 63 0.90 7.90 -12.14
CA ASP B 63 2.16 8.48 -12.61
C ASP B 63 1.94 9.81 -13.31
N ARG B 64 0.98 10.59 -12.82
CA ARG B 64 0.74 11.94 -13.27
C ARG B 64 0.70 12.83 -12.05
N ILE B 65 1.45 13.93 -12.09
CA ILE B 65 1.45 14.89 -10.99
C ILE B 65 0.45 15.99 -11.31
N TYR B 66 -0.48 16.22 -10.39
CA TYR B 66 -1.52 17.24 -10.54
C TYR B 66 -1.25 18.39 -9.58
N VAL B 67 -1.18 19.60 -10.13
CA VAL B 67 -1.05 20.84 -9.38
C VAL B 67 -2.41 21.54 -9.41
N ILE B 68 -2.96 21.77 -8.21
CA ILE B 68 -4.37 22.09 -8.02
C ILE B 68 -4.47 23.44 -7.32
N GLY B 69 -5.25 24.33 -7.90
CA GLY B 69 -5.59 25.59 -7.27
C GLY B 69 -4.38 26.48 -7.06
N GLY B 70 -4.38 27.18 -5.94
CA GLY B 70 -3.29 28.05 -5.55
C GLY B 70 -3.64 29.52 -5.69
N TYR B 71 -2.60 30.34 -5.61
CA TYR B 71 -2.73 31.78 -5.62
C TYR B 71 -1.52 32.36 -6.34
N ASP B 72 -1.76 33.14 -7.39
CA ASP B 72 -0.69 33.65 -8.24
C ASP B 72 -0.24 35.06 -7.87
N GLY B 73 -0.68 35.56 -6.71
CA GLY B 73 -0.37 36.91 -6.31
C GLY B 73 -1.40 37.94 -6.74
N ARG B 74 -2.35 37.56 -7.58
CA ARG B 74 -3.41 38.45 -8.00
C ARG B 74 -4.78 37.82 -7.73
N SER B 75 -4.99 36.60 -8.23
CA SER B 75 -6.25 35.90 -8.07
C SER B 75 -6.01 34.48 -7.58
N ARG B 76 -6.98 33.96 -6.82
CA ARG B 76 -7.01 32.54 -6.54
C ARG B 76 -7.47 31.78 -7.78
N LEU B 77 -6.89 30.60 -7.98
CA LEU B 77 -6.96 29.93 -9.27
C LEU B 77 -7.86 28.70 -9.22
N SER B 78 -8.83 28.66 -10.13
CA SER B 78 -9.49 27.41 -10.49
C SER B 78 -8.53 26.44 -11.15
N SER B 79 -7.54 26.97 -11.89
CA SER B 79 -6.73 26.17 -12.80
C SER B 79 -6.12 24.96 -12.13
N VAL B 80 -6.05 23.86 -12.87
CA VAL B 80 -5.36 22.64 -12.49
C VAL B 80 -4.48 22.25 -13.68
N GLU B 81 -3.24 21.86 -13.40
CA GLU B 81 -2.34 21.46 -14.46
C GLU B 81 -1.67 20.14 -14.11
N CYS B 82 -1.16 19.47 -15.14
CA CYS B 82 -0.76 18.08 -15.08
C CYS B 82 0.60 17.92 -15.74
N LEU B 83 1.38 16.99 -15.21
CA LEU B 83 2.61 16.57 -15.87
C LEU B 83 2.71 15.05 -15.81
N ASP B 84 3.01 14.43 -16.94
CA ASP B 84 3.17 12.99 -17.03
C ASP B 84 4.61 12.62 -16.72
N TYR B 85 4.80 11.88 -15.63
CA TYR B 85 6.13 11.53 -15.15
C TYR B 85 6.78 10.44 -16.00
N VAL B 92 6.53 17.87 -20.06
CA VAL B 92 5.80 19.10 -20.33
C VAL B 92 4.57 19.20 -19.42
N TRP B 93 4.32 20.42 -18.93
CA TRP B 93 3.13 20.69 -18.14
C TRP B 93 2.01 21.16 -19.04
N TYR B 94 0.80 20.65 -18.81
CA TYR B 94 -0.35 21.05 -19.61
C TYR B 94 -1.57 21.14 -18.70
N SER B 95 -2.47 22.06 -19.02
CA SER B 95 -3.64 22.24 -18.16
C SER B 95 -4.72 21.22 -18.49
N VAL B 96 -5.55 20.93 -17.49
CA VAL B 96 -6.72 20.08 -17.69
C VAL B 96 -7.95 20.87 -17.28
N ALA B 97 -9.08 20.18 -17.12
CA ALA B 97 -10.32 20.87 -16.80
C ALA B 97 -10.19 21.60 -15.48
N PRO B 98 -10.57 22.88 -15.39
CA PRO B 98 -10.42 23.61 -14.14
C PRO B 98 -11.50 23.25 -13.14
N MET B 99 -11.22 23.55 -11.88
CA MET B 99 -12.21 23.32 -10.85
C MET B 99 -13.35 24.33 -10.99
N ASN B 100 -14.50 23.99 -10.42
CA ASN B 100 -15.63 24.90 -10.43
C ASN B 100 -15.47 26.02 -9.42
N VAL B 101 -14.53 25.90 -8.49
CA VAL B 101 -14.30 26.89 -7.44
C VAL B 101 -12.84 27.31 -7.48
N ARG B 102 -12.60 28.61 -7.30
CA ARG B 102 -11.24 29.11 -7.05
C ARG B 102 -10.82 28.71 -5.64
N ARG B 103 -9.71 27.98 -5.54
CA ARG B 103 -9.28 27.41 -4.26
C ARG B 103 -7.83 27.74 -3.98
N GLY B 104 -7.60 28.52 -2.93
CA GLY B 104 -6.27 28.68 -2.36
C GLY B 104 -6.24 28.04 -0.98
N LEU B 105 -5.19 27.25 -0.73
CA LEU B 105 -5.01 26.54 0.53
C LEU B 105 -6.11 25.51 0.74
N ALA B 106 -6.32 24.66 -0.26
CA ALA B 106 -7.28 23.58 -0.18
C ALA B 106 -6.58 22.27 0.15
N GLY B 107 -7.34 21.34 0.72
CA GLY B 107 -6.86 19.99 0.96
C GLY B 107 -7.14 19.11 -0.25
N ALA B 108 -6.16 18.28 -0.60
CA ALA B 108 -6.26 17.44 -1.78
C ALA B 108 -5.71 16.06 -1.49
N THR B 109 -6.37 15.05 -2.06
CA THR B 109 -5.97 13.65 -1.90
C THR B 109 -6.51 12.85 -3.08
N THR B 110 -6.11 11.59 -3.16
CA THR B 110 -6.62 10.69 -4.18
C THR B 110 -7.37 9.53 -3.52
N LEU B 111 -8.49 9.13 -4.14
CA LEU B 111 -9.29 8.01 -3.67
C LEU B 111 -9.81 7.24 -4.87
N GLY B 112 -9.74 5.92 -4.79
CA GLY B 112 -9.92 5.11 -5.97
C GLY B 112 -8.87 5.54 -6.96
N ASP B 113 -9.31 6.05 -8.10
CA ASP B 113 -8.47 6.72 -9.09
C ASP B 113 -9.09 8.06 -9.50
N MET B 114 -9.50 8.84 -8.49
CA MET B 114 -10.03 10.18 -8.70
C MET B 114 -9.41 11.10 -7.66
N ILE B 115 -9.46 12.40 -7.93
CA ILE B 115 -8.87 13.40 -7.04
C ILE B 115 -9.97 14.08 -6.25
N TYR B 116 -9.78 14.21 -4.94
CA TYR B 116 -10.71 14.91 -4.08
C TYR B 116 -10.05 16.17 -3.56
N VAL B 117 -10.72 17.31 -3.72
CA VAL B 117 -10.22 18.59 -3.25
C VAL B 117 -11.33 19.28 -2.46
N SER B 118 -11.04 19.63 -1.21
CA SER B 118 -12.00 20.23 -0.31
C SER B 118 -11.43 21.51 0.30
N GLY B 119 -12.34 22.38 0.73
CA GLY B 119 -11.95 23.61 1.39
C GLY B 119 -11.23 24.57 0.47
N GLY B 120 -10.57 25.55 1.08
CA GLY B 120 -9.82 26.55 0.37
C GLY B 120 -10.39 27.94 0.57
N PHE B 121 -9.74 28.90 -0.10
CA PHE B 121 -10.12 30.31 -0.06
C PHE B 121 -10.14 30.85 -1.48
N ASP B 122 -11.20 31.58 -1.83
CA ASP B 122 -11.35 32.13 -3.17
C ASP B 122 -11.04 33.60 -3.26
N GLY B 123 -10.53 34.20 -2.17
CA GLY B 123 -10.26 35.62 -2.12
C GLY B 123 -11.27 36.41 -1.31
N SER B 124 -12.43 35.83 -0.99
CA SER B 124 -13.43 36.51 -0.18
C SER B 124 -14.15 35.61 0.82
N ARG B 125 -14.29 34.31 0.56
CA ARG B 125 -14.95 33.40 1.49
C ARG B 125 -14.25 32.05 1.48
N ARG B 126 -14.24 31.40 2.65
CA ARG B 126 -13.74 30.05 2.75
C ARG B 126 -14.83 29.06 2.37
N HIS B 127 -14.40 27.86 1.97
CA HIS B 127 -15.27 26.91 1.28
C HIS B 127 -15.62 25.73 2.18
N THR B 128 -16.91 25.38 2.21
CA THR B 128 -17.36 24.09 2.69
C THR B 128 -17.38 23.04 1.58
N SER B 129 -17.41 23.49 0.33
CA SER B 129 -17.48 22.61 -0.83
C SER B 129 -16.31 21.63 -0.87
N MET B 130 -16.60 20.44 -1.42
CA MET B 130 -15.59 19.52 -1.92
C MET B 130 -15.98 19.09 -3.33
N GLU B 131 -14.98 18.84 -4.18
CA GLU B 131 -15.24 18.37 -5.52
C GLU B 131 -14.26 17.26 -5.88
N ARG B 132 -14.57 16.58 -6.99
CA ARG B 132 -13.89 15.36 -7.40
C ARG B 132 -13.54 15.45 -8.88
N TYR B 133 -12.29 15.16 -9.20
CA TYR B 133 -11.80 15.14 -10.57
C TYR B 133 -11.71 13.71 -11.05
N ASP B 134 -12.43 13.42 -12.15
CA ASP B 134 -12.36 12.16 -12.86
C ASP B 134 -11.49 12.35 -14.10
N PRO B 135 -10.38 11.62 -14.21
CA PRO B 135 -9.50 11.78 -15.38
C PRO B 135 -10.03 11.12 -16.64
N ASN B 136 -10.84 10.06 -16.50
CA ASN B 136 -11.31 9.34 -17.68
C ASN B 136 -12.33 10.13 -18.47
N ILE B 137 -13.03 11.06 -17.84
CA ILE B 137 -13.93 11.98 -18.53
C ILE B 137 -13.44 13.42 -18.45
N ASP B 138 -12.35 13.67 -17.74
CA ASP B 138 -11.78 15.02 -17.58
C ASP B 138 -12.82 15.98 -17.02
N GLN B 139 -13.30 15.67 -15.81
CA GLN B 139 -14.40 16.45 -15.26
C GLN B 139 -14.20 16.71 -13.77
N TRP B 140 -14.62 17.89 -13.33
CA TRP B 140 -14.71 18.22 -11.91
C TRP B 140 -16.19 18.26 -11.54
N SER B 141 -16.57 17.44 -10.57
CA SER B 141 -17.96 17.30 -10.13
C SER B 141 -18.06 17.63 -8.65
N MET B 142 -19.03 18.46 -8.30
CA MET B 142 -19.24 18.84 -6.91
C MET B 142 -19.76 17.66 -6.10
N LEU B 143 -19.32 17.57 -4.84
CA LEU B 143 -19.88 16.59 -3.92
C LEU B 143 -20.40 17.27 -2.66
N GLY B 144 -20.57 16.50 -1.59
CA GLY B 144 -21.17 17.03 -0.39
C GLY B 144 -20.29 18.07 0.28
N ASP B 145 -20.93 19.02 0.94
CA ASP B 145 -20.21 20.10 1.60
C ASP B 145 -19.87 19.71 3.04
N MET B 146 -18.74 20.20 3.51
CA MET B 146 -18.37 19.99 4.90
C MET B 146 -19.27 20.84 5.81
N GLN B 147 -19.28 20.48 7.09
CA GLN B 147 -20.04 21.24 8.07
C GLN B 147 -19.39 22.60 8.31
N THR B 148 -18.06 22.65 8.28
CA THR B 148 -17.30 23.85 8.58
C THR B 148 -16.46 24.23 7.37
N ALA B 149 -16.56 25.49 6.95
CA ALA B 149 -15.64 26.00 5.95
C ALA B 149 -14.26 26.16 6.57
N ARG B 150 -13.24 25.67 5.86
CA ARG B 150 -11.88 25.72 6.40
C ARG B 150 -10.88 25.94 5.28
N GLU B 151 -9.96 26.87 5.50
CA GLU B 151 -8.80 27.03 4.63
C GLU B 151 -7.55 26.64 5.40
N GLY B 152 -6.55 26.16 4.67
CA GLY B 152 -5.35 25.64 5.31
C GLY B 152 -5.56 24.33 6.03
N ALA B 153 -6.63 23.61 5.70
CA ALA B 153 -6.91 22.31 6.28
C ALA B 153 -6.31 21.21 5.43
N GLY B 154 -6.07 20.06 6.07
CA GLY B 154 -5.51 18.90 5.41
C GLY B 154 -6.58 17.88 5.06
N LEU B 155 -6.35 17.16 3.97
CA LEU B 155 -7.24 16.08 3.55
C LEU B 155 -6.43 14.80 3.43
N VAL B 156 -6.99 13.69 3.94
CA VAL B 156 -6.32 12.40 3.96
C VAL B 156 -7.38 11.33 3.70
N VAL B 157 -6.94 10.16 3.24
CA VAL B 157 -7.79 8.99 3.07
C VAL B 157 -7.28 7.90 3.99
N ALA B 158 -8.19 7.26 4.72
CA ALA B 158 -7.84 6.20 5.64
C ALA B 158 -8.88 5.11 5.52
N SER B 159 -8.45 3.92 5.11
CA SER B 159 -9.33 2.77 4.90
C SER B 159 -10.54 3.16 4.08
N GLY B 160 -10.29 3.90 3.00
CA GLY B 160 -11.34 4.29 2.08
C GLY B 160 -12.28 5.38 2.56
N VAL B 161 -11.96 6.08 3.65
CA VAL B 161 -12.81 7.15 4.15
C VAL B 161 -12.00 8.44 4.19
N ILE B 162 -12.63 9.54 3.81
CA ILE B 162 -11.94 10.83 3.67
C ILE B 162 -12.04 11.62 4.96
N TYR B 163 -10.90 12.11 5.45
CA TYR B 163 -10.80 12.93 6.64
C TYR B 163 -10.23 14.30 6.30
N CYS B 164 -10.82 15.34 6.87
CA CYS B 164 -10.33 16.70 6.74
C CYS B 164 -10.08 17.27 8.14
N LEU B 165 -8.90 17.86 8.32
CA LEU B 165 -8.35 18.16 9.63
C LEU B 165 -7.90 19.61 9.69
N GLY B 166 -8.22 20.28 10.80
CA GLY B 166 -7.72 21.61 11.07
C GLY B 166 -8.39 22.65 10.18
N GLY B 167 -7.63 23.68 9.86
CA GLY B 167 -8.06 24.72 8.96
C GLY B 167 -8.36 26.03 9.66
N TYR B 168 -9.15 26.87 8.98
CA TYR B 168 -9.45 28.21 9.44
C TYR B 168 -10.74 28.66 8.78
N ASP B 169 -11.70 29.13 9.59
CA ASP B 169 -13.04 29.43 9.12
C ASP B 169 -13.28 30.94 8.95
N GLY B 170 -12.21 31.73 8.90
CA GLY B 170 -12.31 33.17 8.93
C GLY B 170 -12.28 33.80 10.29
N LEU B 171 -12.53 33.01 11.35
CA LEU B 171 -12.53 33.51 12.71
C LEU B 171 -11.51 32.79 13.59
N ASN B 172 -11.67 31.49 13.80
CA ASN B 172 -10.81 30.74 14.71
C ASN B 172 -10.05 29.66 13.94
N ILE B 173 -8.86 29.35 14.44
CA ILE B 173 -8.15 28.15 14.00
C ILE B 173 -8.87 26.93 14.54
N LEU B 174 -8.89 25.85 13.77
CA LEU B 174 -9.74 24.72 14.05
C LEU B 174 -8.92 23.50 14.49
N ASN B 175 -9.40 22.83 15.53
CA ASN B 175 -8.97 21.47 15.85
C ASN B 175 -10.00 20.43 15.43
N SER B 176 -11.15 20.87 14.94
CA SER B 176 -12.18 19.94 14.48
C SER B 176 -11.67 19.08 13.33
N VAL B 177 -12.10 17.82 13.33
CA VAL B 177 -11.81 16.88 12.25
C VAL B 177 -13.12 16.29 11.77
N GLU B 178 -13.28 16.22 10.45
CA GLU B 178 -14.49 15.69 9.82
C GLU B 178 -14.15 14.51 8.92
N LYS B 179 -15.13 13.63 8.74
CA LYS B 179 -15.02 12.48 7.85
C LYS B 179 -16.24 12.44 6.94
N TYR B 180 -16.01 12.07 5.68
CA TYR B 180 -17.05 12.13 4.66
C TYR B 180 -17.74 10.79 4.52
N ASP B 181 -19.08 10.82 4.41
CA ASP B 181 -19.87 9.62 4.19
C ASP B 181 -20.40 9.64 2.77
N PRO B 182 -19.85 8.84 1.84
CA PRO B 182 -20.35 8.86 0.47
C PRO B 182 -21.78 8.40 0.35
N HIS B 183 -22.24 7.50 1.22
CA HIS B 183 -23.61 6.99 1.13
C HIS B 183 -24.65 8.06 1.39
N THR B 184 -24.30 9.13 2.10
CA THR B 184 -25.24 10.21 2.37
C THR B 184 -24.84 11.54 1.72
N GLY B 185 -23.56 11.74 1.42
CA GLY B 185 -23.13 13.02 0.90
C GLY B 185 -22.90 14.07 1.95
N HIS B 186 -22.76 13.67 3.22
CA HIS B 186 -22.57 14.60 4.33
C HIS B 186 -21.31 14.21 5.09
N TRP B 187 -20.88 15.13 5.96
CA TRP B 187 -19.71 14.92 6.81
C TRP B 187 -20.12 14.77 8.27
N THR B 188 -19.41 13.89 8.98
CA THR B 188 -19.60 13.70 10.41
C THR B 188 -18.32 14.09 11.15
N ASN B 189 -18.47 14.74 12.30
CA ASN B 189 -17.31 15.15 13.07
C ASN B 189 -16.78 13.98 13.90
N VAL B 190 -15.47 13.97 14.11
CA VAL B 190 -14.81 12.97 14.95
C VAL B 190 -14.05 13.67 16.06
N THR B 191 -13.31 12.90 16.86
CA THR B 191 -12.56 13.46 17.98
C THR B 191 -11.58 14.52 17.49
N PRO B 192 -11.62 15.73 18.03
CA PRO B 192 -10.75 16.80 17.55
C PRO B 192 -9.31 16.59 17.98
N MET B 193 -8.42 17.34 17.33
CA MET B 193 -7.02 17.32 17.72
C MET B 193 -6.80 18.08 19.01
N ALA B 194 -5.67 17.80 19.67
CA ALA B 194 -5.35 18.48 20.91
C ALA B 194 -5.12 19.97 20.69
N THR B 195 -4.44 20.32 19.61
CA THR B 195 -4.12 21.70 19.29
C THR B 195 -4.82 22.09 18.00
N LYS B 196 -5.53 23.22 18.02
CA LYS B 196 -6.08 23.75 16.79
C LYS B 196 -4.95 24.18 15.87
N ARG B 197 -5.00 23.74 14.62
CA ARG B 197 -3.89 23.95 13.70
C ARG B 197 -4.40 24.40 12.33
N SER B 198 -3.74 25.41 11.79
CA SER B 198 -3.93 25.83 10.40
C SER B 198 -2.59 25.76 9.70
N GLY B 199 -2.60 25.31 8.45
CA GLY B 199 -1.35 25.10 7.74
C GLY B 199 -0.53 23.95 8.27
N ALA B 200 -1.17 22.95 8.85
CA ALA B 200 -0.47 21.76 9.31
C ALA B 200 -0.33 20.75 8.17
N GLY B 201 0.72 19.95 8.23
CA GLY B 201 0.91 18.88 7.26
C GLY B 201 0.16 17.64 7.67
N VAL B 202 -0.41 16.96 6.69
CA VAL B 202 -1.30 15.83 6.90
C VAL B 202 -0.79 14.62 6.15
N ALA B 203 -0.70 13.48 6.84
CA ALA B 203 -0.36 12.24 6.16
C ALA B 203 -0.96 11.07 6.90
N LEU B 204 -0.98 9.93 6.24
CA LEU B 204 -1.36 8.67 6.85
C LEU B 204 -0.12 7.77 6.89
N LEU B 205 0.24 7.31 8.08
CA LEU B 205 1.39 6.43 8.26
C LEU B 205 0.92 5.24 9.07
N ASN B 206 1.01 4.05 8.47
CA ASN B 206 0.47 2.83 9.06
C ASN B 206 -0.96 3.05 9.52
N ASP B 207 -1.22 2.83 10.82
CA ASP B 207 -2.57 2.93 11.36
C ASP B 207 -2.84 4.28 12.02
N HIS B 208 -2.06 5.31 11.71
CA HIS B 208 -2.23 6.60 12.35
C HIS B 208 -2.19 7.73 11.33
N ILE B 209 -3.13 8.66 11.47
CA ILE B 209 -3.09 9.91 10.71
C ILE B 209 -2.21 10.89 11.47
N TYR B 210 -1.09 11.28 10.87
CA TYR B 210 -0.16 12.21 11.49
C TYR B 210 -0.43 13.63 11.00
N VAL B 211 -0.50 14.56 11.95
CA VAL B 211 -0.62 15.99 11.70
C VAL B 211 0.62 16.66 12.28
N VAL B 212 1.33 17.40 11.45
CA VAL B 212 2.63 17.97 11.82
C VAL B 212 2.57 19.49 11.77
N GLY B 213 3.06 20.14 12.81
CA GLY B 213 3.25 21.58 12.77
C GLY B 213 1.96 22.36 12.68
N GLY B 214 2.00 23.47 11.95
CA GLY B 214 0.87 24.35 11.81
C GLY B 214 0.99 25.60 12.65
N PHE B 215 -0.11 26.33 12.73
CA PHE B 215 -0.21 27.56 13.50
C PHE B 215 -1.49 27.52 14.30
N ASP B 216 -1.39 27.80 15.61
CA ASP B 216 -2.51 27.65 16.52
C ASP B 216 -3.16 28.97 16.91
N GLY B 217 -2.83 30.06 16.22
CA GLY B 217 -3.32 31.37 16.56
C GLY B 217 -2.34 32.25 17.30
N THR B 218 -1.34 31.67 17.95
CA THR B 218 -0.34 32.45 18.66
C THR B 218 1.09 32.02 18.37
N ALA B 219 1.33 30.73 18.16
CA ALA B 219 2.67 30.20 17.98
C ALA B 219 2.72 29.28 16.77
N HIS B 220 3.87 29.26 16.10
CA HIS B 220 4.15 28.31 15.03
C HIS B 220 4.60 27.00 15.66
N LEU B 221 3.99 25.91 15.24
CA LEU B 221 4.08 24.67 15.99
C LEU B 221 5.13 23.74 15.40
N SER B 222 5.86 23.07 16.28
CA SER B 222 6.63 21.89 15.93
C SER B 222 5.94 20.62 16.41
N SER B 223 4.85 20.76 17.15
CA SER B 223 4.09 19.65 17.69
C SER B 223 3.61 18.72 16.57
N VAL B 224 3.49 17.44 16.92
CA VAL B 224 2.97 16.42 16.02
C VAL B 224 1.93 15.60 16.79
N GLU B 225 0.81 15.31 16.13
CA GLU B 225 -0.25 14.50 16.70
C GLU B 225 -0.50 13.28 15.80
N ALA B 226 -0.93 12.18 16.43
CA ALA B 226 -1.23 10.94 15.74
C ALA B 226 -2.63 10.48 16.14
N TYR B 227 -3.47 10.25 15.13
CA TYR B 227 -4.85 9.83 15.33
C TYR B 227 -5.01 8.37 14.96
N ASN B 228 -5.49 7.56 15.90
CA ASN B 228 -5.67 6.13 15.70
C ASN B 228 -6.99 5.90 14.96
N ILE B 229 -6.92 5.26 13.79
CA ILE B 229 -8.12 4.99 13.01
C ILE B 229 -9.10 4.13 13.79
N ARG B 230 -8.58 3.10 14.47
CA ARG B 230 -9.45 2.14 15.15
C ARG B 230 -10.04 2.71 16.43
N THR B 231 -9.24 3.47 17.20
CA THR B 231 -9.65 3.93 18.52
C THR B 231 -10.33 5.30 18.49
N ASP B 232 -10.20 6.04 17.39
CA ASP B 232 -10.72 7.41 17.31
C ASP B 232 -10.16 8.24 18.46
N SER B 233 -8.85 8.11 18.67
CA SER B 233 -8.19 8.81 19.77
C SER B 233 -6.88 9.42 19.28
N TRP B 234 -6.56 10.58 19.84
CA TRP B 234 -5.37 11.34 19.50
C TRP B 234 -4.29 11.17 20.58
N THR B 235 -3.04 11.15 20.14
CA THR B 235 -1.89 11.18 21.04
C THR B 235 -0.87 12.16 20.47
N THR B 236 -0.01 12.67 21.33
CA THR B 236 1.08 13.53 20.88
C THR B 236 2.34 12.72 20.67
N VAL B 237 3.12 13.11 19.67
CA VAL B 237 4.32 12.42 19.24
C VAL B 237 5.50 13.39 19.37
N THR B 238 6.71 12.82 19.42
CA THR B 238 7.94 13.60 19.40
C THR B 238 7.88 14.72 18.38
N SER B 239 8.19 15.94 18.83
CA SER B 239 8.03 17.11 18.01
C SER B 239 9.12 17.20 16.96
N MET B 240 8.84 17.98 15.92
CA MET B 240 9.77 18.13 14.81
C MET B 240 11.01 18.90 15.25
N THR B 241 12.05 18.85 14.42
CA THR B 241 13.30 19.55 14.75
C THR B 241 13.13 21.06 14.78
N THR B 242 12.06 21.58 14.16
CA THR B 242 11.82 23.00 14.07
C THR B 242 10.33 23.22 13.84
N PRO B 243 9.78 24.35 14.26
CA PRO B 243 8.39 24.65 13.92
C PRO B 243 8.23 24.78 12.41
N ARG B 244 7.14 24.22 11.90
CA ARG B 244 6.80 24.30 10.48
C ARG B 244 5.30 24.47 10.36
N CYS B 245 4.88 25.55 9.70
CA CYS B 245 3.49 25.75 9.33
C CYS B 245 3.40 25.91 7.82
N TYR B 246 2.29 25.42 7.25
CA TYR B 246 2.13 25.31 5.80
C TYR B 246 3.30 24.50 5.24
N VAL B 247 3.56 23.39 5.90
CA VAL B 247 4.63 22.45 5.61
C VAL B 247 4.03 21.26 4.90
N GLY B 248 4.75 20.73 3.91
CA GLY B 248 4.31 19.52 3.27
C GLY B 248 4.49 18.31 4.15
N ALA B 249 3.60 17.33 3.97
CA ALA B 249 3.70 16.08 4.70
C ALA B 249 3.41 14.95 3.73
N THR B 250 4.27 13.95 3.71
CA THR B 250 4.07 12.82 2.80
C THR B 250 4.72 11.58 3.41
N VAL B 251 4.58 10.45 2.70
CA VAL B 251 5.17 9.19 3.13
C VAL B 251 6.04 8.67 1.99
N LEU B 252 7.30 8.41 2.30
CA LEU B 252 8.27 7.87 1.34
C LEU B 252 8.80 6.57 1.90
N ARG B 253 8.55 5.47 1.18
CA ARG B 253 9.01 4.14 1.57
C ARG B 253 8.70 3.84 3.04
N GLY B 254 7.49 4.18 3.46
CA GLY B 254 7.04 3.86 4.80
C GLY B 254 7.51 4.82 5.88
N ARG B 255 8.17 5.91 5.52
CA ARG B 255 8.65 6.88 6.49
C ARG B 255 7.96 8.22 6.26
N LEU B 256 7.58 8.89 7.36
CA LEU B 256 6.88 10.16 7.27
C LEU B 256 7.87 11.30 7.08
N TYR B 257 7.59 12.17 6.10
CA TYR B 257 8.49 13.28 5.76
C TYR B 257 7.74 14.60 5.87
N ALA B 258 8.38 15.56 6.52
CA ALA B 258 7.94 16.95 6.59
C ALA B 258 8.83 17.80 5.69
N ILE B 259 8.20 18.68 4.91
CA ILE B 259 8.81 19.34 3.75
C ILE B 259 8.71 20.85 3.94
N ALA B 260 9.84 21.49 4.16
CA ALA B 260 9.98 22.96 4.10
C ALA B 260 9.07 23.59 5.15
N GLY B 261 8.46 24.73 4.84
CA GLY B 261 7.57 25.43 5.76
C GLY B 261 8.16 26.72 6.25
N TYR B 262 7.41 27.35 7.15
CA TYR B 262 7.78 28.63 7.78
C TYR B 262 7.99 28.39 9.26
N ASP B 263 9.15 28.78 9.77
CA ASP B 263 9.50 28.49 11.16
C ASP B 263 9.10 29.60 12.12
N GLY B 264 8.31 30.56 11.67
CA GLY B 264 7.94 31.71 12.47
C GLY B 264 8.75 32.95 12.17
N ASN B 265 9.91 32.79 11.54
CA ASN B 265 10.80 33.90 11.20
C ASN B 265 11.36 33.82 9.78
N SER B 266 11.60 32.64 9.23
CA SER B 266 12.19 32.49 7.90
C SER B 266 11.61 31.26 7.23
N LEU B 267 11.61 31.26 5.90
CA LEU B 267 11.27 30.07 5.15
C LEU B 267 12.35 29.00 5.34
N LEU B 268 11.97 27.75 5.11
CA LEU B 268 12.83 26.61 5.39
C LEU B 268 13.18 25.84 4.12
N SER B 269 14.43 25.40 4.03
CA SER B 269 14.85 24.45 3.00
C SER B 269 14.80 23.01 3.47
N SER B 270 14.89 22.79 4.78
CA SER B 270 15.07 21.46 5.35
C SER B 270 13.93 20.52 4.98
N ILE B 271 14.27 19.24 4.84
CA ILE B 271 13.31 18.14 4.83
C ILE B 271 13.69 17.19 5.97
N GLU B 272 12.72 16.87 6.83
CA GLU B 272 13.03 15.98 7.94
C GLU B 272 12.11 14.78 7.94
N CYS B 273 12.62 13.67 8.47
CA CYS B 273 11.94 12.39 8.44
C CYS B 273 11.71 11.90 9.86
N TYR B 274 10.65 11.13 10.04
CA TYR B 274 10.24 10.62 11.34
C TYR B 274 10.70 9.18 11.51
N ASP B 275 11.51 8.94 12.53
CA ASP B 275 12.02 7.63 12.89
C ASP B 275 11.02 6.94 13.81
N PRO B 276 10.22 5.98 13.31
CA PRO B 276 9.19 5.40 14.18
C PRO B 276 9.76 4.52 15.28
N ILE B 277 10.87 3.83 15.02
CA ILE B 277 11.45 2.94 16.02
C ILE B 277 12.19 3.73 17.10
N ILE B 278 12.93 4.77 16.68
CA ILE B 278 13.67 5.59 17.64
C ILE B 278 12.85 6.77 18.14
N ASP B 279 11.69 7.02 17.55
CA ASP B 279 10.80 8.11 17.94
C ASP B 279 11.56 9.43 18.03
N SER B 280 12.05 9.87 16.87
CA SER B 280 12.73 11.15 16.75
C SER B 280 12.70 11.61 15.31
N TRP B 281 12.91 12.92 15.14
CA TRP B 281 12.99 13.55 13.82
C TRP B 281 14.43 14.00 13.56
N GLU B 282 14.89 13.81 12.33
CA GLU B 282 16.17 14.35 11.88
C GLU B 282 16.05 14.83 10.45
N VAL B 283 16.68 15.97 10.15
CA VAL B 283 16.70 16.51 8.81
C VAL B 283 17.53 15.61 7.90
N VAL B 284 16.97 15.24 6.76
CA VAL B 284 17.59 14.26 5.88
C VAL B 284 18.27 14.95 4.70
N THR B 285 17.69 16.04 4.21
CA THR B 285 18.22 16.72 3.04
C THR B 285 17.70 18.15 3.02
N SER B 286 18.17 18.92 2.04
CA SER B 286 17.68 20.26 1.82
C SER B 286 17.66 20.54 0.32
N MET B 287 16.61 21.19 -0.14
CA MET B 287 16.48 21.52 -1.55
C MET B 287 17.21 22.82 -1.86
N GLY B 288 17.18 23.23 -3.12
CA GLY B 288 17.77 24.48 -3.53
C GLY B 288 16.91 25.71 -3.33
N THR B 289 15.68 25.55 -2.85
CA THR B 289 14.77 26.67 -2.68
C THR B 289 14.10 26.62 -1.32
N GLN B 290 13.81 27.80 -0.78
CA GLN B 290 13.03 27.95 0.43
C GLN B 290 11.58 28.20 0.03
N ARG B 291 10.66 27.39 0.57
CA ARG B 291 9.26 27.49 0.18
C ARG B 291 8.36 27.41 1.40
N CYS B 292 7.17 27.97 1.25
CA CYS B 292 6.07 27.77 2.17
C CYS B 292 4.81 27.46 1.36
N ASP B 293 3.84 26.81 2.02
CA ASP B 293 2.57 26.38 1.44
C ASP B 293 2.71 25.87 0.01
N ALA B 294 3.73 25.06 -0.27
CA ALA B 294 3.90 24.43 -1.57
C ALA B 294 3.17 23.09 -1.63
N GLY B 295 2.88 22.65 -2.85
CA GLY B 295 2.25 21.36 -3.06
C GLY B 295 3.29 20.25 -3.01
N VAL B 296 2.90 19.13 -2.42
CA VAL B 296 3.80 17.99 -2.21
C VAL B 296 3.13 16.72 -2.71
N CYS B 297 3.92 15.85 -3.35
CA CYS B 297 3.40 14.56 -3.78
C CYS B 297 4.54 13.56 -3.86
N VAL B 298 4.18 12.28 -3.82
CA VAL B 298 5.13 11.18 -3.93
C VAL B 298 4.76 10.34 -5.14
N LEU B 299 5.74 10.01 -5.97
CA LEU B 299 5.50 9.24 -7.18
C LEU B 299 6.42 8.02 -7.22
N ARG B 300 5.85 6.88 -7.60
CA ARG B 300 6.58 5.62 -7.67
C ARG B 300 7.21 5.44 -9.05
N GLU B 301 8.48 5.08 -9.07
CA GLU B 301 9.19 4.85 -10.32
C GLU B 301 9.22 3.36 -10.68
N PRO C 1 1.14 -16.04 -16.65
CA PRO C 1 2.16 -16.82 -15.95
C PRO C 1 2.13 -18.29 -16.36
N GLY C 2 0.95 -18.88 -16.40
CA GLY C 2 0.79 -20.27 -16.78
C GLY C 2 -0.58 -20.41 -17.41
N ALA C 3 -1.55 -20.81 -16.58
CA ALA C 3 -2.93 -20.95 -17.01
C ALA C 3 -3.83 -19.91 -16.33
N PRO C 4 -3.23 -18.93 -15.65
CA PRO C 4 -4.04 -17.94 -14.94
C PRO C 4 -4.88 -17.12 -15.92
N PRO C 5 -6.14 -16.91 -15.61
CA PRO C 5 -6.98 -16.08 -16.49
C PRO C 5 -6.46 -14.65 -16.55
N GLY C 6 -6.71 -13.99 -17.68
CA GLY C 6 -6.22 -12.65 -17.91
C GLY C 6 -7.32 -11.60 -17.95
N ARG C 7 -6.96 -10.37 -17.64
CA ARG C 7 -7.85 -9.22 -17.74
C ARG C 7 -7.10 -8.04 -18.35
N PRO D 1 -4.69 33.13 7.10
CA PRO D 1 -5.30 32.24 8.09
C PRO D 1 -4.57 32.32 9.41
N GLY D 2 -3.25 32.30 9.34
CA GLY D 2 -2.48 32.37 10.55
C GLY D 2 -1.12 33.00 10.37
N ALA D 3 -0.14 32.10 10.24
CA ALA D 3 1.30 32.29 10.07
C ALA D 3 1.91 32.48 8.67
N PRO D 4 1.19 32.46 7.53
CA PRO D 4 1.88 32.68 6.25
C PRO D 4 2.50 34.07 6.18
N PRO D 5 3.75 34.17 5.73
CA PRO D 5 4.38 35.50 5.59
C PRO D 5 3.63 36.34 4.57
N GLY D 6 3.68 37.65 4.78
CA GLY D 6 2.98 38.58 3.92
C GLY D 6 1.47 38.45 3.99
#